data_5FXS
#
_entry.id   5FXS
#
_cell.length_a   40.820
_cell.length_b   66.110
_cell.length_c   122.110
_cell.angle_alpha   90.00
_cell.angle_beta   90.00
_cell.angle_gamma   90.00
#
_symmetry.space_group_name_H-M   'P 21 21 21'
#
loop_
_entity.id
_entity.type
_entity.pdbx_description
1 polymer 'INSULIN-LIKE GROWTH FACTOR 1 RECEPTOR'
2 non-polymer 'ACETATE ION'
3 non-polymer 2-[4-[4-[[(6Z)-5-chloranyl-6-pyrazolo[1,5-a]pyridin-3-ylidene-1H-pyrimidin-2-yl]amino]-3,5-dimethyl-pyrazol-1-yl]piperidin-1-yl]-N,N-dimethyl-ethanamide
4 water water
#
_entity_poly.entity_id   1
_entity_poly.type   'polypeptide(L)'
_entity_poly.pdbx_seq_one_letter_code
;SYFSAADVYVPDEWEVAREKITMSRELGQGSFGMVYEGVAKGVVKDEPETRVAIKTVNEAASMRERIEFLNEASVMKEFN
CHHVVRLLGVVSQGQPTLVIMELMTRGDLKSYLRSLRPEMENNPVLAPPSLSKMIQMAGEIADGMAYLNANKFVHRDLAA
RNCMVAEDFTVKIGDFGMTRAIYETDYYRKGGKGLLPVRWMSPESLKDGVFTTYSDVWSFGVVLWEIATLAEEPYQGLSN
EQVLRFVMEGGLLDKPDNCPDMLFELMRMCWQYNPKMRPSFLEIISSIKEEMEPGFREVSFYYSEENK
;
_entity_poly.pdbx_strand_id   A
#
# COMPACT_ATOMS: atom_id res chain seq x y z
N SER A 1 -21.82 4.16 35.92
N SER A 1 -24.13 4.05 34.98
CA SER A 1 -22.77 3.75 34.85
CA SER A 1 -22.67 3.83 34.92
C SER A 1 -22.16 3.79 33.44
C SER A 1 -22.15 3.79 33.49
N TYR A 2 -20.87 4.12 33.32
CA TYR A 2 -20.21 4.13 32.00
C TYR A 2 -18.69 4.17 32.09
N PHE A 3 -18.05 3.80 30.98
CA PHE A 3 -16.62 4.01 30.76
C PHE A 3 -16.46 5.30 29.94
N SER A 4 -15.47 6.12 30.29
CA SER A 4 -15.22 7.36 29.54
C SER A 4 -14.79 7.04 28.11
N ALA A 5 -15.24 7.86 27.16
CA ALA A 5 -15.00 7.61 25.73
C ALA A 5 -14.11 8.66 25.07
N ALA A 6 -13.35 9.40 25.87
CA ALA A 6 -12.54 10.51 25.36
C ALA A 6 -11.21 10.02 24.75
N ASP A 7 -10.99 10.33 23.48
CA ASP A 7 -9.72 9.98 22.80
C ASP A 7 -8.73 11.14 22.90
N VAL A 8 -7.46 10.81 23.12
CA VAL A 8 -6.39 11.82 23.18
C VAL A 8 -5.21 11.37 22.34
N TYR A 9 -4.31 12.31 22.02
CA TYR A 9 -2.99 11.96 21.51
C TYR A 9 -1.94 12.35 22.54
N VAL A 10 -1.07 11.39 22.86
CA VAL A 10 -0.02 11.55 23.85
C VAL A 10 1.33 11.70 23.12
N PRO A 11 1.94 12.89 23.19
CA PRO A 11 3.25 13.08 22.56
C PRO A 11 4.28 12.08 23.07
N ASP A 12 5.12 11.58 22.17
CA ASP A 12 6.11 10.55 22.53
C ASP A 12 7.46 10.80 21.88
N GLU A 13 8.29 9.75 21.80
CA GLU A 13 9.66 9.85 21.30
C GLU A 13 9.76 10.16 19.80
N TRP A 14 8.63 10.07 19.09
CA TRP A 14 8.57 10.44 17.67
C TRP A 14 8.39 11.95 17.43
N GLU A 15 8.18 12.71 18.50
CA GLU A 15 7.97 14.15 18.37
C GLU A 15 9.24 14.80 17.84
N VAL A 16 9.09 15.65 16.82
CA VAL A 16 10.22 16.40 16.26
C VAL A 16 9.94 17.91 16.30
N ALA A 17 10.99 18.69 16.50
CA ALA A 17 10.88 20.15 16.58
C ALA A 17 10.45 20.74 15.23
N ARG A 18 9.45 21.62 15.26
CA ARG A 18 8.95 22.25 14.04
C ARG A 18 10.05 22.94 13.23
N GLU A 19 11.01 23.53 13.94
CA GLU A 19 12.14 24.24 13.33
C GLU A 19 12.99 23.37 12.41
N LYS A 20 12.93 22.05 12.58
CA LYS A 20 13.69 21.11 11.76
C LYS A 20 13.00 20.73 10.45
N ILE A 21 11.75 21.20 10.24
CA ILE A 21 10.95 20.83 9.08
C ILE A 21 10.71 22.04 8.17
N THR A 22 10.89 21.84 6.86
CA THR A 22 10.49 22.82 5.85
C THR A 22 9.65 22.10 4.78
N MET A 23 8.64 22.77 4.24
CA MET A 23 7.75 22.17 3.23
C MET A 23 7.83 22.96 1.94
N SER A 24 7.85 22.25 0.81
CA SER A 24 7.96 22.88 -0.51
C SER A 24 6.80 22.48 -1.41
N ARG A 25 6.98 21.42 -2.19
CA ARG A 25 6.07 21.05 -3.25
C ARG A 25 4.81 20.36 -2.74
N GLU A 26 3.65 20.75 -3.25
CA GLU A 26 2.38 20.14 -2.90
C GLU A 26 2.24 18.82 -3.65
N LEU A 27 1.94 17.74 -2.92
CA LEU A 27 1.75 16.41 -3.53
C LEU A 27 0.28 16.11 -3.80
N GLY A 28 -0.58 16.61 -2.93
CA GLY A 28 -2.00 16.41 -3.10
C GLY A 28 -2.76 16.67 -1.83
N GLN A 29 -4.03 16.30 -1.86
CA GLN A 29 -4.96 16.50 -0.78
C GLN A 29 -5.35 15.14 -0.24
N GLY A 30 -5.18 14.95 1.07
CA GLY A 30 -5.70 13.77 1.76
C GLY A 30 -7.03 14.09 2.43
N SER A 31 -7.65 13.10 3.06
CA SER A 31 -8.93 13.33 3.76
C SER A 31 -8.79 14.33 4.92
N PHE A 32 -7.59 14.35 5.49
CA PHE A 32 -7.24 15.17 6.67
C PHE A 32 -6.75 16.58 6.31
N GLY A 33 -6.21 16.73 5.11
CA GLY A 33 -5.56 17.97 4.72
C GLY A 33 -4.50 17.76 3.65
N MET A 34 -3.80 18.84 3.35
CA MET A 34 -2.81 18.87 2.29
CA MET A 34 -2.82 18.85 2.27
C MET A 34 -1.56 18.06 2.65
N VAL A 35 -0.93 17.49 1.63
CA VAL A 35 0.32 16.75 1.80
C VAL A 35 1.38 17.40 0.93
N TYR A 36 2.56 17.62 1.51
CA TYR A 36 3.65 18.29 0.82
C TYR A 36 4.88 17.43 0.85
N GLU A 37 5.76 17.68 -0.10
CA GLU A 37 7.14 17.25 -0.03
C GLU A 37 7.89 18.28 0.81
N GLY A 38 8.97 17.85 1.45
CA GLY A 38 9.80 18.78 2.21
C GLY A 38 11.13 18.17 2.63
N VAL A 39 11.74 18.81 3.61
CA VAL A 39 13.02 18.38 4.14
C VAL A 39 12.93 18.36 5.66
N ALA A 40 13.49 17.32 6.26
CA ALA A 40 13.50 17.17 7.71
C ALA A 40 14.95 16.96 8.16
N LYS A 41 15.35 17.71 9.20
CA LYS A 41 16.69 17.55 9.76
C LYS A 41 16.67 16.52 10.89
N GLY A 42 17.65 15.63 10.89
CA GLY A 42 17.90 14.72 12.01
C GLY A 42 16.91 13.60 12.25
N VAL A 43 16.25 13.12 11.20
CA VAL A 43 15.22 12.07 11.33
C VAL A 43 15.67 10.70 10.83
N VAL A 44 16.80 10.65 10.13
CA VAL A 44 17.36 9.40 9.65
C VAL A 44 18.82 9.33 10.11
N LYS A 45 19.23 8.17 10.62
CA LYS A 45 20.59 7.98 11.13
C LYS A 45 21.63 8.30 10.06
N ASP A 46 22.62 9.12 10.41
CA ASP A 46 23.73 9.46 9.52
C ASP A 46 23.36 10.42 8.38
N GLU A 47 22.13 10.92 8.37
CA GLU A 47 21.67 11.87 7.36
C GLU A 47 21.39 13.20 8.04
N PRO A 48 22.21 14.22 7.75
CA PRO A 48 21.91 15.54 8.31
C PRO A 48 20.55 16.07 7.86
N GLU A 49 20.20 15.82 6.60
CA GLU A 49 18.91 16.24 6.03
C GLU A 49 18.32 15.11 5.19
N THR A 50 16.99 14.95 5.26
CA THR A 50 16.28 13.93 4.49
C THR A 50 15.07 14.53 3.78
N ARG A 51 14.84 14.13 2.52
CA ARG A 51 13.62 14.48 1.81
C ARG A 51 12.47 13.65 2.38
N VAL A 52 11.37 14.30 2.69
CA VAL A 52 10.24 13.65 3.36
C VAL A 52 8.92 14.08 2.74
N ALA A 53 7.88 13.31 3.03
CA ALA A 53 6.51 13.71 2.76
C ALA A 53 5.93 14.18 4.07
N ILE A 54 5.15 15.27 4.02
CA ILE A 54 4.60 15.87 5.23
C ILE A 54 3.08 15.95 5.12
N LYS A 55 2.40 15.15 5.92
CA LYS A 55 0.94 15.18 6.00
C LYS A 55 0.57 16.27 6.99
N THR A 56 -0.39 17.12 6.63
CA THR A 56 -0.74 18.29 7.48
C THR A 56 -2.22 18.30 7.84
N VAL A 57 -2.53 18.81 9.03
CA VAL A 57 -3.89 19.21 9.39
C VAL A 57 -3.84 20.69 9.80
N ASN A 58 -4.51 21.53 9.03
CA ASN A 58 -4.43 22.98 9.23
C ASN A 58 -5.19 23.49 10.46
N GLU A 59 -5.10 24.79 10.70
CA GLU A 59 -5.64 25.39 11.93
C GLU A 59 -7.17 25.37 11.99
N ALA A 60 -7.83 25.26 10.84
CA ALA A 60 -9.29 25.27 10.77
C ALA A 60 -9.97 23.95 11.19
N ALA A 61 -9.22 22.84 11.16
CA ALA A 61 -9.80 21.53 11.48
C ALA A 61 -10.13 21.43 12.97
N SER A 62 -11.11 20.59 13.31
CA SER A 62 -11.50 20.40 14.71
C SER A 62 -10.43 19.63 15.47
N MET A 63 -10.42 19.78 16.80
CA MET A 63 -9.49 19.05 17.64
C MET A 63 -9.79 17.55 17.61
N ARG A 64 -11.07 17.19 17.55
CA ARG A 64 -11.48 15.77 17.41
C ARG A 64 -10.87 15.15 16.15
N GLU A 65 -11.00 15.86 15.03
CA GLU A 65 -10.41 15.43 13.75
C GLU A 65 -8.89 15.32 13.85
N ARG A 66 -8.29 16.33 14.49
N ARG A 66 -8.29 16.33 14.49
CA ARG A 66 -6.87 16.42 14.71
CA ARG A 66 -6.84 16.41 14.67
C ARG A 66 -6.32 15.20 15.44
C ARG A 66 -6.30 15.21 15.46
N ILE A 67 -6.97 14.86 16.55
CA ILE A 67 -6.58 13.72 17.39
C ILE A 67 -6.76 12.39 16.64
N GLU A 68 -7.87 12.27 15.89
CA GLU A 68 -8.12 11.09 15.08
C GLU A 68 -7.00 10.89 14.06
N PHE A 69 -6.59 11.98 13.41
CA PHE A 69 -5.50 11.97 12.43
C PHE A 69 -4.21 11.45 13.03
N LEU A 70 -3.83 12.00 14.18
CA LEU A 70 -2.60 11.60 14.87
C LEU A 70 -2.60 10.14 15.31
N ASN A 71 -3.73 9.69 15.85
CA ASN A 71 -3.85 8.30 16.28
C ASN A 71 -3.88 7.32 15.09
N GLU A 72 -4.51 7.70 13.98
CA GLU A 72 -4.49 6.85 12.78
C GLU A 72 -3.08 6.75 12.21
N ALA A 73 -2.43 7.90 12.06
CA ALA A 73 -1.06 7.97 11.53
C ALA A 73 -0.08 7.15 12.38
N SER A 74 -0.30 7.16 13.69
CA SER A 74 0.57 6.47 14.64
C SER A 74 0.64 4.94 14.51
N VAL A 75 -0.32 4.33 13.82
CA VAL A 75 -0.26 2.89 13.53
C VAL A 75 1.08 2.51 12.88
N MET A 76 1.58 3.39 12.01
CA MET A 76 2.84 3.17 11.28
C MET A 76 4.08 3.17 12.16
N LYS A 77 3.98 3.65 13.40
CA LYS A 77 5.12 3.69 14.31
C LYS A 77 5.68 2.29 14.63
N GLU A 78 4.81 1.29 14.60
CA GLU A 78 5.22 -0.07 14.97
C GLU A 78 6.16 -0.75 13.96
N PHE A 79 6.22 -0.24 12.73
CA PHE A 79 6.92 -0.95 11.65
C PHE A 79 8.29 -0.37 11.32
N ASN A 80 9.23 -1.26 11.06
CA ASN A 80 10.58 -0.90 10.59
C ASN A 80 11.06 -1.94 9.60
N CYS A 81 10.64 -1.76 8.35
CA CYS A 81 10.96 -2.69 7.28
C CYS A 81 11.27 -1.87 6.04
N HIS A 82 12.26 -2.32 5.27
CA HIS A 82 12.68 -1.64 4.06
C HIS A 82 11.55 -1.55 3.04
N HIS A 83 10.63 -2.51 3.07
CA HIS A 83 9.54 -2.56 2.09
C HIS A 83 8.17 -2.14 2.65
N VAL A 84 8.19 -1.37 3.72
CA VAL A 84 7.02 -0.67 4.23
C VAL A 84 7.42 0.79 4.43
N VAL A 85 6.60 1.71 3.92
CA VAL A 85 6.88 3.15 4.00
C VAL A 85 7.02 3.57 5.47
N ARG A 86 8.10 4.26 5.80
CA ARG A 86 8.39 4.57 7.20
C ARG A 86 7.75 5.87 7.68
N LEU A 87 7.31 5.87 8.94
CA LEU A 87 7.00 7.13 9.63
C LEU A 87 8.28 7.59 10.30
N LEU A 88 8.59 8.89 10.14
CA LEU A 88 9.85 9.44 10.57
C LEU A 88 9.74 10.40 11.76
N GLY A 89 8.56 10.99 11.95
CA GLY A 89 8.35 11.89 13.07
C GLY A 89 6.96 12.50 13.08
N VAL A 90 6.67 13.20 14.17
CA VAL A 90 5.38 13.85 14.38
C VAL A 90 5.61 15.25 14.94
N VAL A 91 4.85 16.22 14.45
CA VAL A 91 4.82 17.55 15.06
C VAL A 91 3.39 17.77 15.53
N SER A 92 3.14 17.44 16.79
CA SER A 92 1.81 17.56 17.39
C SER A 92 1.69 18.85 18.20
N GLN A 93 2.82 19.51 18.43
CA GLN A 93 2.86 20.76 19.21
C GLN A 93 2.72 21.96 18.27
N GLY A 94 1.72 22.78 18.52
CA GLY A 94 1.43 23.91 17.65
C GLY A 94 0.72 23.47 16.38
N GLN A 95 0.45 24.44 15.51
CA GLN A 95 -0.27 24.16 14.27
C GLN A 95 0.45 24.81 13.09
N PRO A 96 0.35 24.20 11.89
CA PRO A 96 -0.41 23.00 11.58
C PRO A 96 0.19 21.72 12.19
N THR A 97 -0.67 20.73 12.43
CA THR A 97 -0.22 19.43 12.92
C THR A 97 0.45 18.70 11.76
N LEU A 98 1.64 18.15 12.01
CA LEU A 98 2.39 17.48 10.95
C LEU A 98 2.71 16.02 11.29
N VAL A 99 2.64 15.16 10.29
CA VAL A 99 3.20 13.81 10.38
C VAL A 99 4.21 13.65 9.24
N ILE A 100 5.42 13.25 9.60
CA ILE A 100 6.55 13.20 8.67
C ILE A 100 6.77 11.75 8.25
N MET A 101 6.69 11.52 6.93
CA MET A 101 6.81 10.18 6.34
C MET A 101 7.97 10.13 5.37
N GLU A 102 8.47 8.91 5.15
CA GLU A 102 9.41 8.63 4.07
C GLU A 102 8.77 9.08 2.75
N LEU A 103 9.53 9.83 1.94
CA LEU A 103 9.03 10.30 0.65
C LEU A 103 9.16 9.22 -0.43
N MET A 104 8.08 8.99 -1.17
CA MET A 104 8.08 8.05 -2.28
C MET A 104 7.82 8.86 -3.55
N THR A 105 8.90 9.28 -4.21
CA THR A 105 8.82 10.28 -5.27
C THR A 105 8.03 9.84 -6.52
N ARG A 106 7.91 8.53 -6.75
CA ARG A 106 7.21 8.05 -7.95
C ARG A 106 5.75 7.71 -7.69
N GLY A 107 5.26 8.00 -6.49
CA GLY A 107 3.83 7.99 -6.22
C GLY A 107 3.30 6.61 -5.87
N ASP A 108 1.98 6.48 -5.89
CA ASP A 108 1.40 5.18 -5.62
C ASP A 108 1.60 4.30 -6.85
N LEU A 109 1.62 2.99 -6.65
CA LEU A 109 1.94 2.05 -7.72
C LEU A 109 0.89 2.07 -8.82
N LYS A 110 -0.38 2.27 -8.48
CA LYS A 110 -1.43 2.36 -9.50
C LYS A 110 -1.16 3.53 -10.44
N SER A 111 -0.90 4.70 -9.87
N SER A 111 -0.88 4.70 -9.88
CA SER A 111 -0.51 5.90 -10.64
CA SER A 111 -0.52 5.89 -10.66
C SER A 111 0.75 5.67 -11.47
C SER A 111 0.75 5.68 -11.47
N TYR A 112 1.75 5.06 -10.85
CA TYR A 112 3.01 4.76 -11.53
C TYR A 112 2.79 3.84 -12.75
N LEU A 113 2.06 2.74 -12.53
CA LEU A 113 1.73 1.82 -13.62
C LEU A 113 0.95 2.51 -14.74
N ARG A 114 -0.04 3.32 -14.37
CA ARG A 114 -0.83 4.03 -15.37
C ARG A 114 0.03 5.03 -16.17
N SER A 115 1.06 5.60 -15.53
CA SER A 115 2.00 6.52 -16.20
C SER A 115 2.89 5.84 -17.26
N LEU A 116 2.98 4.52 -17.19
CA LEU A 116 3.76 3.73 -18.15
C LEU A 116 2.98 3.37 -19.41
N ARG A 117 1.67 3.60 -19.40
CA ARG A 117 0.85 3.37 -20.58
C ARG A 117 1.26 4.35 -21.66
N PRO A 118 1.30 3.89 -22.93
CA PRO A 118 1.62 4.80 -24.01
C PRO A 118 0.63 5.96 -24.13
N GLU A 119 1.13 7.16 -24.40
CA GLU A 119 0.29 8.32 -24.64
C GLU A 119 -0.33 8.25 -26.03
N MET A 120 -1.46 8.92 -26.20
CA MET A 120 -2.20 8.92 -27.47
C MET A 120 -1.65 9.97 -28.42
N GLU A 121 -0.32 10.02 -28.55
CA GLU A 121 0.37 11.04 -29.34
C GLU A 121 1.40 10.45 -30.30
N ASN A 122 1.48 9.12 -30.38
CA ASN A 122 2.37 8.46 -31.33
C ASN A 122 3.84 8.89 -31.16
N ASN A 123 4.23 9.17 -29.91
CA ASN A 123 5.61 9.49 -29.55
CA ASN A 123 5.60 9.50 -29.52
C ASN A 123 6.36 8.23 -29.10
N PRO A 124 7.71 8.28 -29.13
CA PRO A 124 8.42 7.09 -28.63
C PRO A 124 8.17 6.85 -27.14
N VAL A 125 8.11 5.59 -26.75
CA VAL A 125 7.71 5.21 -25.41
C VAL A 125 8.53 4.02 -24.91
N LEU A 126 8.78 3.98 -23.61
CA LEU A 126 9.40 2.83 -22.99
C LEU A 126 8.50 1.62 -23.16
N ALA A 127 9.10 0.48 -23.50
CA ALA A 127 8.35 -0.76 -23.62
C ALA A 127 7.76 -1.10 -22.25
N PRO A 128 6.68 -1.91 -22.22
CA PRO A 128 6.12 -2.33 -20.94
C PRO A 128 7.16 -3.02 -20.07
N PRO A 129 6.97 -3.00 -18.73
CA PRO A 129 7.97 -3.58 -17.82
C PRO A 129 8.33 -5.03 -18.17
N SER A 130 9.61 -5.36 -18.13
CA SER A 130 10.09 -6.73 -18.34
C SER A 130 9.69 -7.66 -17.20
N LEU A 131 9.73 -8.97 -17.46
CA LEU A 131 9.48 -9.98 -16.43
C LEU A 131 10.34 -9.73 -15.20
N SER A 132 11.63 -9.47 -15.43
CA SER A 132 12.57 -9.24 -14.34
C SER A 132 12.18 -8.03 -13.48
N LYS A 133 11.74 -6.95 -14.10
CA LYS A 133 11.27 -5.77 -13.35
C LYS A 133 9.97 -6.05 -12.59
N MET A 134 9.06 -6.79 -13.22
CA MET A 134 7.80 -7.15 -12.58
C MET A 134 8.03 -8.09 -11.39
N ILE A 135 8.93 -9.05 -11.56
CA ILE A 135 9.31 -9.97 -10.48
C ILE A 135 9.93 -9.23 -9.29
N GLN A 136 10.78 -8.24 -9.57
CA GLN A 136 11.37 -7.41 -8.53
C GLN A 136 10.28 -6.70 -7.71
N MET A 137 9.30 -6.08 -8.40
CA MET A 137 8.17 -5.45 -7.70
C MET A 137 7.40 -6.47 -6.87
N ALA A 138 7.14 -7.64 -7.45
CA ALA A 138 6.40 -8.70 -6.75
C ALA A 138 7.08 -9.10 -5.44
N GLY A 139 8.40 -9.31 -5.51
CA GLY A 139 9.18 -9.74 -4.35
C GLY A 139 9.21 -8.70 -3.25
N GLU A 140 9.30 -7.44 -3.64
CA GLU A 140 9.33 -6.35 -2.68
C GLU A 140 7.98 -6.22 -1.95
N ILE A 141 6.90 -6.28 -2.71
CA ILE A 141 5.56 -6.25 -2.15
C ILE A 141 5.35 -7.46 -1.22
N ALA A 142 5.77 -8.64 -1.67
CA ALA A 142 5.61 -9.86 -0.87
C ALA A 142 6.44 -9.80 0.42
N ASP A 143 7.63 -9.20 0.36
CA ASP A 143 8.49 -9.06 1.53
C ASP A 143 7.85 -8.14 2.58
N GLY A 144 7.34 -7.00 2.13
CA GLY A 144 6.61 -6.09 3.02
C GLY A 144 5.40 -6.76 3.64
N MET A 145 4.66 -7.55 2.85
CA MET A 145 3.51 -8.27 3.36
C MET A 145 3.89 -9.39 4.35
N ALA A 146 5.01 -10.07 4.10
CA ALA A 146 5.51 -11.10 5.00
C ALA A 146 5.86 -10.49 6.35
N TYR A 147 6.50 -9.33 6.29
CA TYR A 147 6.82 -8.57 7.48
C TYR A 147 5.57 -8.22 8.30
N LEU A 148 4.54 -7.69 7.62
CA LEU A 148 3.30 -7.35 8.31
C LEU A 148 2.62 -8.58 8.93
N ASN A 149 2.56 -9.68 8.17
CA ASN A 149 2.03 -10.94 8.70
C ASN A 149 2.82 -11.46 9.91
N ALA A 150 4.15 -11.35 9.84
CA ALA A 150 5.03 -11.72 10.96
C ALA A 150 4.76 -10.86 12.20
N ASN A 151 4.31 -9.63 11.97
CA ASN A 151 3.90 -8.75 13.06
C ASN A 151 2.40 -8.86 13.38
N LYS A 152 1.78 -9.94 12.89
CA LYS A 152 0.41 -10.35 13.25
C LYS A 152 -0.68 -9.45 12.67
N PHE A 153 -0.37 -8.70 11.62
CA PHE A 153 -1.34 -7.84 10.94
C PHE A 153 -1.97 -8.52 9.71
N VAL A 154 -3.24 -8.19 9.46
CA VAL A 154 -3.91 -8.48 8.21
C VAL A 154 -4.11 -7.11 7.52
N HIS A 155 -3.69 -6.98 6.28
CA HIS A 155 -3.76 -5.68 5.59
C HIS A 155 -5.21 -5.31 5.25
N ARG A 156 -5.89 -6.23 4.57
CA ARG A 156 -7.30 -6.09 4.17
C ARG A 156 -7.59 -5.23 2.93
N ASP A 157 -6.59 -4.49 2.45
CA ASP A 157 -6.76 -3.66 1.24
C ASP A 157 -5.47 -3.61 0.43
N LEU A 158 -4.87 -4.78 0.22
CA LEU A 158 -3.69 -4.86 -0.63
C LEU A 158 -4.16 -4.66 -2.07
N ALA A 159 -3.50 -3.74 -2.75
CA ALA A 159 -3.86 -3.33 -4.11
C ALA A 159 -2.75 -2.39 -4.57
N ALA A 160 -2.61 -2.23 -5.87
CA ALA A 160 -1.55 -1.37 -6.41
C ALA A 160 -1.66 0.05 -5.87
N ARG A 161 -2.88 0.55 -5.69
CA ARG A 161 -3.09 1.91 -5.16
C ARG A 161 -2.56 2.08 -3.72
N ASN A 162 -2.37 0.97 -3.01
CA ASN A 162 -1.86 0.99 -1.63
C ASN A 162 -0.39 0.55 -1.48
N CYS A 163 0.32 0.50 -2.61
CA CYS A 163 1.77 0.40 -2.60
C CYS A 163 2.31 1.72 -3.15
N MET A 164 3.55 2.03 -2.81
CA MET A 164 4.20 3.26 -3.26
C MET A 164 5.53 2.94 -3.90
N VAL A 165 5.99 3.83 -4.76
CA VAL A 165 7.20 3.64 -5.54
C VAL A 165 8.22 4.73 -5.25
N ALA A 166 9.42 4.31 -4.90
CA ALA A 166 10.51 5.19 -4.54
C ALA A 166 11.25 5.71 -5.77
N GLU A 167 12.08 6.72 -5.54
CA GLU A 167 12.94 7.29 -6.58
C GLU A 167 13.74 6.22 -7.33
N ASP A 168 14.30 5.27 -6.59
CA ASP A 168 15.08 4.18 -7.20
C ASP A 168 14.22 2.99 -7.68
N PHE A 169 12.90 3.21 -7.75
CA PHE A 169 11.93 2.23 -8.26
C PHE A 169 11.56 1.10 -7.29
N THR A 170 12.10 1.13 -6.08
CA THR A 170 11.70 0.18 -5.04
C THR A 170 10.23 0.38 -4.67
N VAL A 171 9.48 -0.71 -4.66
CA VAL A 171 8.06 -0.67 -4.28
C VAL A 171 7.95 -1.04 -2.81
N LYS A 172 7.12 -0.32 -2.07
CA LYS A 172 6.90 -0.59 -0.66
C LYS A 172 5.40 -0.57 -0.37
N ILE A 173 5.00 -1.28 0.68
CA ILE A 173 3.64 -1.17 1.18
C ILE A 173 3.48 0.26 1.68
N GLY A 174 2.40 0.90 1.26
CA GLY A 174 2.21 2.31 1.42
C GLY A 174 1.65 2.68 2.78
N ASP A 175 1.76 3.96 3.09
CA ASP A 175 1.14 4.54 4.26
C ASP A 175 -0.34 4.11 4.27
N PHE A 176 -0.79 3.54 5.38
CA PHE A 176 -2.13 2.94 5.42
C PHE A 176 -3.25 3.95 5.18
N GLY A 177 -4.10 3.64 4.19
CA GLY A 177 -5.36 4.37 3.99
C GLY A 177 -5.29 5.68 3.21
N MET A 178 -4.16 5.96 2.57
CA MET A 178 -3.93 7.28 1.98
C MET A 178 -4.47 7.50 0.57
N THR A 179 -4.87 6.43 -0.11
CA THR A 179 -5.34 6.56 -1.50
C THR A 179 -6.78 6.10 -1.74
N ARG A 180 -7.40 5.49 -0.75
CA ARG A 180 -8.78 4.96 -0.92
C ARG A 180 -9.79 6.05 -1.28
N ALA A 181 -9.59 7.26 -0.77
CA ALA A 181 -10.46 8.40 -1.09
C ALA A 181 -10.25 8.94 -2.51
N ILE A 182 -9.06 8.71 -3.07
CA ILE A 182 -8.72 9.16 -4.42
C ILE A 182 -9.27 8.19 -5.47
N TYR A 183 -9.02 6.90 -5.29
CA TYR A 183 -9.56 5.88 -6.19
C TYR A 183 -10.86 5.32 -5.65
N GLU A 184 -11.83 6.21 -5.41
CA GLU A 184 -13.07 5.84 -4.75
C GLU A 184 -13.84 4.73 -5.47
N THR A 185 -13.80 4.71 -6.82
CA THR A 185 -14.56 3.69 -7.56
C THR A 185 -13.96 2.27 -7.48
N ASP A 186 -12.81 2.13 -6.83
CA ASP A 186 -12.24 0.81 -6.50
C ASP A 186 -12.92 0.16 -5.29
N TYR A 187 -13.92 0.82 -4.72
CA TYR A 187 -14.65 0.32 -3.56
C TYR A 187 -16.15 0.29 -3.81
N TYR A 188 -16.83 -0.55 -3.05
CA TYR A 188 -18.25 -0.79 -3.19
C TYR A 188 -18.82 -1.00 -1.79
N ARG A 189 -19.86 -0.24 -1.47
N ARG A 189 -19.88 -0.25 -1.49
CA ARG A 189 -20.54 -0.37 -0.18
CA ARG A 189 -20.57 -0.35 -0.21
C ARG A 189 -21.83 -1.17 -0.38
C ARG A 189 -21.84 -1.17 -0.38
N LYS A 190 -21.88 -2.34 0.27
CA LYS A 190 -23.05 -3.23 0.20
C LYS A 190 -23.81 -3.30 1.53
N GLY A 191 -23.13 -3.01 2.64
CA GLY A 191 -23.82 -2.90 3.93
C GLY A 191 -22.91 -2.41 5.04
N GLY A 192 -23.11 -2.96 6.24
CA GLY A 192 -22.20 -2.72 7.36
C GLY A 192 -20.81 -3.20 6.98
N LYS A 193 -19.78 -2.63 7.59
CA LYS A 193 -18.38 -2.85 7.18
C LYS A 193 -17.99 -1.81 6.12
N GLY A 194 -18.99 -1.24 5.45
CA GLY A 194 -18.80 -0.08 4.61
C GLY A 194 -18.18 -0.37 3.26
N LEU A 195 -17.35 0.56 2.80
CA LEU A 195 -16.71 0.49 1.50
C LEU A 195 -15.62 -0.57 1.47
N LEU A 196 -15.82 -1.60 0.64
CA LEU A 196 -14.88 -2.70 0.51
C LEU A 196 -14.35 -2.80 -0.93
N PRO A 197 -13.07 -3.18 -1.09
CA PRO A 197 -12.43 -3.33 -2.40
C PRO A 197 -12.80 -4.65 -3.07
N VAL A 198 -14.07 -4.76 -3.48
CA VAL A 198 -14.64 -6.03 -3.93
C VAL A 198 -13.88 -6.71 -5.08
N ARG A 199 -13.28 -5.94 -5.98
CA ARG A 199 -12.54 -6.52 -7.11
C ARG A 199 -11.17 -7.08 -6.68
N TRP A 200 -10.76 -6.79 -5.44
CA TRP A 200 -9.51 -7.32 -4.88
C TRP A 200 -9.72 -8.42 -3.84
N MET A 201 -10.97 -8.75 -3.55
CA MET A 201 -11.33 -9.59 -2.41
C MET A 201 -11.48 -11.06 -2.76
N SER A 202 -11.08 -11.92 -1.82
CA SER A 202 -11.18 -13.36 -1.97
C SER A 202 -12.64 -13.81 -1.90
N PRO A 203 -12.95 -14.99 -2.46
CA PRO A 203 -14.33 -15.52 -2.41
C PRO A 203 -14.88 -15.62 -0.99
N GLU A 204 -14.05 -16.10 -0.06
CA GLU A 204 -14.47 -16.27 1.33
C GLU A 204 -14.74 -14.92 2.01
N SER A 205 -13.94 -13.91 1.66
CA SER A 205 -14.12 -12.55 2.16
C SER A 205 -15.40 -11.94 1.61
N LEU A 206 -15.68 -12.19 0.34
CA LEU A 206 -16.92 -11.72 -0.29
C LEU A 206 -18.15 -12.35 0.36
N LYS A 207 -18.00 -13.58 0.84
CA LYS A 207 -19.12 -14.33 1.43
C LYS A 207 -19.50 -13.86 2.84
N ASP A 208 -18.50 -13.66 3.71
CA ASP A 208 -18.78 -13.29 5.11
C ASP A 208 -18.03 -12.07 5.66
N GLY A 209 -17.22 -11.41 4.83
CA GLY A 209 -16.56 -10.17 5.23
C GLY A 209 -15.40 -10.31 6.21
N VAL A 210 -14.88 -11.52 6.39
CA VAL A 210 -13.70 -11.74 7.22
C VAL A 210 -12.45 -11.77 6.34
N PHE A 211 -11.38 -11.15 6.83
CA PHE A 211 -10.11 -11.09 6.10
C PHE A 211 -9.00 -11.77 6.91
N THR A 212 -8.11 -12.45 6.20
CA THR A 212 -6.97 -13.18 6.81
C THR A 212 -5.73 -12.96 5.95
N THR A 213 -4.59 -13.47 6.39
CA THR A 213 -3.38 -13.39 5.55
C THR A 213 -3.59 -14.15 4.22
N TYR A 214 -4.44 -15.19 4.26
CA TYR A 214 -4.79 -15.95 3.05
C TYR A 214 -5.53 -15.11 2.02
N SER A 215 -6.42 -14.22 2.48
CA SER A 215 -7.11 -13.28 1.58
C SER A 215 -6.17 -12.15 1.12
N ASP A 216 -5.20 -11.77 1.95
CA ASP A 216 -4.15 -10.85 1.50
C ASP A 216 -3.37 -11.46 0.29
N VAL A 217 -3.11 -12.76 0.36
CA VAL A 217 -2.44 -13.45 -0.76
C VAL A 217 -3.28 -13.42 -2.04
N TRP A 218 -4.58 -13.64 -1.90
CA TRP A 218 -5.50 -13.47 -3.02
C TRP A 218 -5.31 -12.10 -3.65
N SER A 219 -5.42 -11.06 -2.83
CA SER A 219 -5.26 -9.68 -3.30
C SER A 219 -3.91 -9.45 -3.96
N PHE A 220 -2.87 -10.11 -3.44
CA PHE A 220 -1.53 -10.05 -4.03
C PHE A 220 -1.51 -10.54 -5.48
N GLY A 221 -2.25 -11.63 -5.75
CA GLY A 221 -2.47 -12.10 -7.11
C GLY A 221 -3.09 -11.04 -8.00
N VAL A 222 -4.07 -10.33 -7.48
CA VAL A 222 -4.71 -9.24 -8.23
C VAL A 222 -3.72 -8.09 -8.48
N VAL A 223 -2.84 -7.81 -7.51
CA VAL A 223 -1.79 -6.82 -7.74
C VAL A 223 -0.83 -7.22 -8.87
N LEU A 224 -0.45 -8.49 -8.93
CA LEU A 224 0.38 -8.99 -10.03
C LEU A 224 -0.32 -8.80 -11.37
N TRP A 225 -1.62 -9.08 -11.40
CA TRP A 225 -2.46 -8.83 -12.58
C TRP A 225 -2.45 -7.34 -12.94
N GLU A 226 -2.60 -6.47 -11.95
CA GLU A 226 -2.49 -5.02 -12.16
C GLU A 226 -1.16 -4.60 -12.77
N ILE A 227 -0.07 -5.17 -12.25
CA ILE A 227 1.26 -4.87 -12.78
C ILE A 227 1.33 -5.29 -14.27
N ALA A 228 0.81 -6.48 -14.57
CA ALA A 228 0.85 -7.04 -15.92
C ALA A 228 -0.08 -6.34 -16.91
N THR A 229 -1.12 -5.65 -16.44
CA THR A 229 -2.05 -4.91 -17.30
C THR A 229 -1.84 -3.39 -17.22
N LEU A 230 -0.84 -2.96 -16.46
CA LEU A 230 -0.65 -1.54 -16.14
C LEU A 230 -1.92 -0.94 -15.54
N ALA A 231 -2.44 -1.63 -14.53
CA ALA A 231 -3.50 -1.13 -13.66
C ALA A 231 -4.83 -0.91 -14.38
N GLU A 232 -5.23 -1.86 -15.20
CA GLU A 232 -6.62 -1.92 -15.65
C GLU A 232 -7.50 -2.27 -14.44
N GLU A 233 -8.80 -1.98 -14.54
CA GLU A 233 -9.74 -2.35 -13.49
C GLU A 233 -9.98 -3.84 -13.59
N PRO A 234 -9.80 -4.59 -12.48
CA PRO A 234 -10.09 -6.03 -12.55
C PRO A 234 -11.57 -6.28 -12.85
N TYR A 235 -11.84 -7.30 -13.68
CA TYR A 235 -13.20 -7.64 -14.08
C TYR A 235 -13.90 -6.44 -14.73
N GLN A 236 -13.17 -5.71 -15.56
CA GLN A 236 -13.73 -4.56 -16.28
C GLN A 236 -14.92 -5.02 -17.11
N GLY A 237 -15.98 -4.22 -17.13
CA GLY A 237 -17.21 -4.62 -17.83
C GLY A 237 -18.15 -5.48 -17.00
N LEU A 238 -17.72 -5.92 -15.82
CA LEU A 238 -18.64 -6.44 -14.81
C LEU A 238 -18.96 -5.33 -13.81
N SER A 239 -20.22 -5.25 -13.41
CA SER A 239 -20.62 -4.32 -12.35
C SER A 239 -20.11 -4.86 -11.02
N ASN A 240 -20.11 -4.01 -10.00
CA ASN A 240 -19.73 -4.43 -8.64
C ASN A 240 -20.49 -5.66 -8.19
N GLU A 241 -21.80 -5.64 -8.42
CA GLU A 241 -22.65 -6.76 -8.03
C GLU A 241 -22.32 -8.05 -8.81
N GLN A 242 -22.02 -7.91 -10.10
CA GLN A 242 -21.66 -9.07 -10.93
C GLN A 242 -20.30 -9.66 -10.53
N VAL A 243 -19.39 -8.83 -10.05
CA VAL A 243 -18.10 -9.31 -9.55
C VAL A 243 -18.30 -10.23 -8.34
N LEU A 244 -19.08 -9.78 -7.35
CA LEU A 244 -19.35 -10.59 -6.17
C LEU A 244 -19.75 -12.01 -6.57
N ARG A 245 -20.77 -12.10 -7.42
CA ARG A 245 -21.29 -13.40 -7.86
C ARG A 245 -20.25 -14.20 -8.67
N PHE A 246 -19.57 -13.54 -9.59
CA PHE A 246 -18.58 -14.19 -10.46
C PHE A 246 -17.45 -14.85 -9.66
N VAL A 247 -16.86 -14.09 -8.73
CA VAL A 247 -15.73 -14.60 -7.95
C VAL A 247 -16.16 -15.66 -6.94
N MET A 248 -17.28 -15.43 -6.25
CA MET A 248 -17.80 -16.41 -5.28
C MET A 248 -18.14 -17.74 -5.92
N GLU A 249 -18.54 -17.72 -7.18
CA GLU A 249 -18.86 -18.95 -7.92
C GLU A 249 -17.65 -19.55 -8.66
N GLY A 250 -16.44 -19.03 -8.41
CA GLY A 250 -15.21 -19.64 -8.90
C GLY A 250 -14.55 -18.99 -10.11
N GLY A 251 -15.11 -17.88 -10.59
CA GLY A 251 -14.57 -17.18 -11.74
C GLY A 251 -13.23 -16.52 -11.43
N LEU A 252 -12.36 -16.44 -12.44
CA LEU A 252 -11.03 -15.85 -12.30
C LEU A 252 -10.76 -14.77 -13.35
N LEU A 253 -9.79 -13.91 -13.05
CA LEU A 253 -9.28 -12.95 -14.03
C LEU A 253 -8.57 -13.71 -15.16
N ASP A 254 -8.64 -13.17 -16.37
CA ASP A 254 -7.98 -13.80 -17.51
C ASP A 254 -6.50 -13.42 -17.55
N LYS A 255 -5.69 -14.31 -18.13
CA LYS A 255 -4.28 -14.04 -18.35
C LYS A 255 -4.12 -12.78 -19.21
N PRO A 256 -3.43 -11.74 -18.69
CA PRO A 256 -3.28 -10.53 -19.51
C PRO A 256 -2.52 -10.77 -20.81
N ASP A 257 -2.82 -9.93 -21.80
CA ASP A 257 -2.12 -9.98 -23.10
C ASP A 257 -0.61 -9.85 -22.87
N ASN A 258 0.16 -10.76 -23.48
CA ASN A 258 1.62 -10.77 -23.36
C ASN A 258 2.16 -10.92 -21.94
N CYS A 259 1.36 -11.50 -21.05
CA CYS A 259 1.80 -11.77 -19.69
C CYS A 259 2.76 -12.96 -19.69
N PRO A 260 3.96 -12.79 -19.10
CA PRO A 260 4.86 -13.94 -19.00
C PRO A 260 4.23 -15.10 -18.23
N ASP A 261 4.48 -16.32 -18.69
CA ASP A 261 3.89 -17.52 -18.10
C ASP A 261 4.16 -17.61 -16.60
N MET A 262 5.40 -17.32 -16.18
CA MET A 262 5.81 -17.35 -14.76
C MET A 262 4.91 -16.50 -13.86
N LEU A 263 4.57 -15.30 -14.33
CA LEU A 263 3.76 -14.37 -13.53
C LEU A 263 2.33 -14.87 -13.39
N PHE A 264 1.74 -15.34 -14.48
CA PHE A 264 0.38 -15.84 -14.43
C PHE A 264 0.28 -17.12 -13.58
N GLU A 265 1.33 -17.94 -13.61
CA GLU A 265 1.40 -19.12 -12.75
C GLU A 265 1.33 -18.72 -11.28
N LEU A 266 2.02 -17.63 -10.95
CA LEU A 266 2.00 -17.11 -9.57
C LEU A 266 0.59 -16.62 -9.23
N MET A 267 -0.06 -15.92 -10.15
CA MET A 267 -1.44 -15.48 -9.94
C MET A 267 -2.35 -16.67 -9.63
N ARG A 268 -2.22 -17.75 -10.39
CA ARG A 268 -3.09 -18.91 -10.20
C ARG A 268 -2.91 -19.58 -8.84
N MET A 269 -1.69 -19.57 -8.30
CA MET A 269 -1.45 -20.08 -6.94
C MET A 269 -2.16 -19.21 -5.90
N CYS A 270 -2.15 -17.90 -6.13
CA CYS A 270 -2.83 -16.96 -5.24
C CYS A 270 -4.34 -17.06 -5.31
N TRP A 271 -4.87 -17.47 -6.46
CA TRP A 271 -6.31 -17.52 -6.66
C TRP A 271 -6.92 -18.92 -6.48
N GLN A 272 -6.25 -19.80 -5.74
CA GLN A 272 -6.87 -21.07 -5.41
CA GLN A 272 -6.85 -21.09 -5.38
C GLN A 272 -8.09 -20.80 -4.54
N TYR A 273 -9.19 -21.47 -4.84
CA TYR A 273 -10.46 -21.20 -4.14
C TYR A 273 -10.36 -21.47 -2.65
N ASN A 274 -9.75 -22.60 -2.31
CA ASN A 274 -9.49 -22.97 -0.92
C ASN A 274 -8.31 -22.14 -0.39
N PRO A 275 -8.55 -21.28 0.61
CA PRO A 275 -7.49 -20.41 1.15
C PRO A 275 -6.26 -21.17 1.65
N LYS A 276 -6.49 -22.35 2.22
CA LYS A 276 -5.42 -23.18 2.77
C LYS A 276 -4.46 -23.73 1.72
N MET A 277 -4.86 -23.69 0.45
CA MET A 277 -4.04 -24.17 -0.64
C MET A 277 -3.21 -23.06 -1.29
N ARG A 278 -3.45 -21.81 -0.91
CA ARG A 278 -2.66 -20.67 -1.37
C ARG A 278 -1.30 -20.66 -0.67
N PRO A 279 -0.25 -20.19 -1.37
CA PRO A 279 1.04 -20.07 -0.71
C PRO A 279 1.04 -18.92 0.29
N SER A 280 1.95 -18.96 1.25
CA SER A 280 2.18 -17.82 2.14
C SER A 280 3.07 -16.82 1.42
N PHE A 281 3.19 -15.61 1.98
CA PHE A 281 4.08 -14.62 1.39
C PHE A 281 5.53 -15.09 1.42
N LEU A 282 5.93 -15.74 2.51
CA LEU A 282 7.27 -16.33 2.60
C LEU A 282 7.49 -17.36 1.51
N GLU A 283 6.48 -18.20 1.25
CA GLU A 283 6.60 -19.24 0.22
C GLU A 283 6.69 -18.62 -1.17
N ILE A 284 5.97 -17.53 -1.38
CA ILE A 284 6.02 -16.78 -2.65
C ILE A 284 7.44 -16.27 -2.90
N ILE A 285 8.02 -15.64 -1.88
CA ILE A 285 9.38 -15.11 -1.98
C ILE A 285 10.39 -16.22 -2.22
N SER A 286 10.24 -17.31 -1.48
CA SER A 286 11.10 -18.48 -1.67
C SER A 286 11.12 -18.94 -3.13
N SER A 287 9.98 -18.89 -3.80
CA SER A 287 9.86 -19.36 -5.19
C SER A 287 10.52 -18.43 -6.22
N ILE A 288 10.67 -17.15 -5.90
CA ILE A 288 11.23 -16.17 -6.85
C ILE A 288 12.56 -15.55 -6.42
N LYS A 289 13.10 -15.99 -5.29
CA LYS A 289 14.27 -15.33 -4.69
C LYS A 289 15.52 -15.32 -5.58
N GLU A 290 15.66 -16.35 -6.42
CA GLU A 290 16.78 -16.44 -7.35
C GLU A 290 16.74 -15.34 -8.43
N GLU A 291 15.55 -14.79 -8.68
CA GLU A 291 15.35 -13.75 -9.69
C GLU A 291 15.42 -12.32 -9.13
N MET A 292 15.55 -12.18 -7.81
CA MET A 292 15.64 -10.87 -7.16
C MET A 292 17.04 -10.30 -7.34
N GLU A 293 17.12 -8.96 -7.38
CA GLU A 293 18.40 -8.25 -7.43
C GLU A 293 19.21 -8.55 -6.17
N PRO A 294 20.56 -8.61 -6.30
CA PRO A 294 21.42 -9.09 -5.20
C PRO A 294 21.23 -8.37 -3.86
N GLY A 295 20.97 -7.06 -3.90
CA GLY A 295 20.76 -6.25 -2.70
C GLY A 295 19.53 -6.62 -1.88
N PHE A 296 18.61 -7.36 -2.48
CA PHE A 296 17.45 -7.90 -1.75
C PHE A 296 17.86 -8.66 -0.49
N ARG A 297 18.97 -9.39 -0.55
CA ARG A 297 19.44 -10.16 0.61
C ARG A 297 19.88 -9.28 1.79
N GLU A 298 20.28 -8.05 1.51
CA GLU A 298 20.75 -7.14 2.57
C GLU A 298 19.62 -6.35 3.23
N VAL A 299 18.52 -6.12 2.51
CA VAL A 299 17.47 -5.22 3.02
C VAL A 299 16.13 -5.88 3.35
N SER A 300 15.93 -7.11 2.89
CA SER A 300 14.63 -7.74 3.01
C SER A 300 14.37 -8.32 4.39
N PHE A 301 13.10 -8.37 4.76
CA PHE A 301 12.65 -9.11 5.92
C PHE A 301 12.96 -10.59 5.76
N TYR A 302 12.73 -11.10 4.55
CA TYR A 302 12.92 -12.52 4.24
C TYR A 302 14.29 -13.05 4.65
N TYR A 303 15.34 -12.29 4.34
CA TYR A 303 16.72 -12.71 4.66
C TYR A 303 17.21 -12.18 6.00
N SER A 304 16.37 -11.45 6.72
CA SER A 304 16.76 -10.86 8.00
C SER A 304 16.71 -11.90 9.13
N GLU A 305 17.33 -11.56 10.26
CA GLU A 305 17.29 -12.43 11.43
C GLU A 305 15.93 -12.41 12.14
N GLU A 306 15.09 -11.43 11.79
CA GLU A 306 13.72 -11.35 12.32
C GLU A 306 12.77 -12.38 11.70
N ASN A 307 13.16 -12.95 10.56
CA ASN A 307 12.36 -13.98 9.91
C ASN A 307 12.71 -15.36 10.47
N LYS A 308 11.96 -15.77 11.49
CA LYS A 308 12.22 -17.02 12.20
C LYS A 308 10.92 -17.75 12.54
#